data_5K9S
#
_entry.id   5K9S
#
_cell.length_a   81.380
_cell.length_b   111.394
_cell.length_c   129.358
_cell.angle_alpha   90.00
_cell.angle_beta   90.00
_cell.angle_gamma   90.00
#
_symmetry.space_group_name_H-M   'C 2 2 21'
#
loop_
_entity.id
_entity.type
_entity.pdbx_description
1 polymer 'Importin subunit alpha-1'
2 polymer 'HNF1 beta A splice variant 2'
3 water water
#
loop_
_entity_poly.entity_id
_entity_poly.type
_entity_poly.pdbx_seq_one_letter_code
_entity_poly.pdbx_strand_id
1 'polypeptide(L)'
;GTVNWSVEDIVKGINSNNLESQLQATQAARKLLSREKQPPIDNIIRAGLIPKFVSFLGKTDCSPIQFESAWALTNIASGT
SEQTKAVVDGGAIPAFISLLASPHAHISEQAVWALGNIAGDGSAFRDLVIKHGAIDPLLALLAVPDLSTLACGYLRNLTW
TLSNLCRNKNPAPPLDAVEQILPTLVRLLHHNDPEVLADSCWAISYLTDGPNERIEMVVKKGVVPQLVKLLGATELPIVT
PALRAIGNIVTGTDEQTQKVIDAGALAVFPSLLTNPKTNIQKEATWTMSNITAGRQDQIQQVVNHGLVPFLVGVLSKADF
KTQKEAAWAITNYTSGGTVEQIVYLVHCGIIEPLMNLLSAKDTKIIQVILDAISNIFQAAEKLGETEKLSIMIEECGGLD
KIEALQRHENESVYKASLNLIEKYFSVEEEEDQNVVPETTSEGFAFQVQDGAPGTFNF
;
A
2 'polypeptide(L)' TNKKMRRNRFK B,C
#
# COMPACT_ATOMS: atom_id res chain seq x y z
N VAL A 3 10.12 38.29 19.81
CA VAL A 3 10.14 36.83 19.59
C VAL A 3 11.36 36.51 18.74
N ASN A 4 11.36 35.37 18.03
CA ASN A 4 12.54 34.87 17.35
C ASN A 4 13.68 34.65 18.35
N TRP A 5 13.37 33.91 19.41
CA TRP A 5 14.36 33.66 20.46
C TRP A 5 15.54 32.88 19.90
N SER A 6 16.69 33.04 20.55
CA SER A 6 17.84 32.20 20.25
C SER A 6 17.76 30.92 21.07
N VAL A 7 18.42 29.87 20.56
CA VAL A 7 18.49 28.62 21.31
C VAL A 7 19.12 28.87 22.67
N GLU A 8 20.14 29.73 22.73
CA GLU A 8 20.74 30.06 24.01
C GLU A 8 19.73 30.72 24.94
N ASP A 9 18.90 31.62 24.42
CA ASP A 9 17.83 32.20 25.22
C ASP A 9 16.87 31.12 25.69
N ILE A 10 16.53 30.17 24.82
CA ILE A 10 15.61 29.11 25.21
C ILE A 10 16.20 28.27 26.33
N VAL A 11 17.47 27.87 26.18
CA VAL A 11 18.15 27.09 27.22
C VAL A 11 18.08 27.82 28.55
N LYS A 12 18.33 29.12 28.52
CA LYS A 12 18.33 29.92 29.74
C LYS A 12 16.96 29.88 30.40
N GLY A 13 15.90 30.09 29.61
CA GLY A 13 14.56 30.14 30.17
C GLY A 13 14.06 28.79 30.66
N ILE A 14 14.47 27.71 29.99
CA ILE A 14 14.01 26.39 30.39
C ILE A 14 14.68 25.94 31.68
N ASN A 15 15.91 26.41 31.92
CA ASN A 15 16.67 25.99 33.09
C ASN A 15 16.28 26.74 34.36
N SER A 16 15.66 27.92 34.25
CA SER A 16 15.31 28.66 35.45
C SER A 16 14.37 27.86 36.34
N ASN A 17 14.33 28.23 37.61
CA ASN A 17 13.35 27.67 38.54
C ASN A 17 11.98 28.32 38.39
N ASN A 18 11.88 29.39 37.61
CA ASN A 18 10.61 30.08 37.39
C ASN A 18 9.77 29.28 36.41
N LEU A 19 8.56 28.90 36.82
CA LEU A 19 7.69 28.16 35.91
C LEU A 19 7.21 29.03 34.76
N GLU A 20 7.05 30.34 34.98
CA GLU A 20 6.54 31.19 33.91
C GLU A 20 7.58 31.39 32.82
N SER A 21 8.85 31.44 33.18
CA SER A 21 9.90 31.56 32.17
C SER A 21 10.19 30.23 31.48
N GLN A 22 9.85 29.12 32.10
CA GLN A 22 9.94 27.84 31.40
C GLN A 22 8.87 27.74 30.34
N LEU A 23 7.66 28.18 30.67
CA LEU A 23 6.57 28.18 29.69
C LEU A 23 6.92 29.07 28.50
N GLN A 24 7.36 30.30 28.75
CA GLN A 24 7.71 31.18 27.64
C GLN A 24 8.83 30.59 26.80
N ALA A 25 9.81 29.97 27.45
CA ALA A 25 10.92 29.39 26.69
C ALA A 25 10.46 28.20 25.86
N THR A 26 9.50 27.41 26.36
CA THR A 26 9.01 26.28 25.58
C THR A 26 8.14 26.77 24.43
N GLN A 27 7.35 27.82 24.64
CA GLN A 27 6.63 28.45 23.54
C GLN A 27 7.58 28.88 22.44
N ALA A 28 8.66 29.57 22.81
CA ALA A 28 9.64 30.02 21.82
C ALA A 28 10.20 28.84 21.04
N ALA A 29 10.58 27.78 21.75
CA ALA A 29 11.08 26.58 21.11
C ALA A 29 10.05 26.00 20.15
N ARG A 30 8.79 25.93 20.57
CA ARG A 30 7.75 25.42 19.69
C ARG A 30 7.57 26.30 18.46
N LYS A 31 7.54 27.63 18.64
CA LYS A 31 7.44 28.50 17.47
C LYS A 31 8.63 28.30 16.55
N LEU A 32 9.82 28.15 17.14
CA LEU A 32 11.02 27.95 16.34
C LEU A 32 10.95 26.63 15.57
N LEU A 33 10.25 25.64 16.11
CA LEU A 33 10.19 24.30 15.56
C LEU A 33 9.00 24.09 14.64
N SER A 34 8.09 25.05 14.57
CA SER A 34 6.90 24.93 13.75
C SER A 34 6.88 25.95 12.62
N ARG A 35 8.00 26.66 12.41
CA ARG A 35 8.11 27.53 11.25
C ARG A 35 8.44 26.70 10.02
N GLU A 36 7.78 27.03 8.91
CA GLU A 36 7.63 26.12 7.79
C GLU A 36 8.96 25.48 7.40
N LYS A 37 9.94 26.30 7.04
CA LYS A 37 11.19 25.82 6.48
C LYS A 37 12.22 25.62 7.57
N GLN A 38 12.89 24.48 7.53
CA GLN A 38 14.08 24.26 8.34
C GLN A 38 13.89 24.58 9.81
N PRO A 39 13.09 23.82 10.54
CA PRO A 39 13.21 23.89 11.98
C PRO A 39 14.65 23.61 12.37
N PRO A 40 15.22 24.37 13.18
CA PRO A 40 16.60 24.05 13.59
C PRO A 40 16.60 22.91 14.60
N ILE A 41 16.23 21.73 14.12
CA ILE A 41 16.02 20.60 15.02
C ILE A 41 17.33 20.22 15.68
N ASP A 42 18.38 20.07 14.89
CA ASP A 42 19.65 19.64 15.45
C ASP A 42 20.17 20.64 16.48
N ASN A 43 19.94 21.93 16.29
CA ASN A 43 20.35 22.90 17.30
C ASN A 43 19.65 22.64 18.63
N ILE A 44 18.36 22.31 18.56
CA ILE A 44 17.58 22.01 19.76
C ILE A 44 18.08 20.74 20.44
N ILE A 45 18.34 19.68 19.67
CA ILE A 45 18.84 18.43 20.23
C ILE A 45 20.16 18.65 20.95
N ARG A 46 21.10 19.32 20.27
CA ARG A 46 22.43 19.54 20.84
C ARG A 46 22.37 20.42 22.07
N ALA A 47 21.39 21.31 22.19
CA ALA A 47 21.24 22.08 23.41
C ALA A 47 20.78 21.24 24.58
N GLY A 48 20.49 19.95 24.37
CA GLY A 48 20.08 19.09 25.45
C GLY A 48 18.67 19.28 25.92
N LEU A 49 17.79 19.83 25.08
CA LEU A 49 16.44 20.13 25.55
C LEU A 49 15.50 18.94 25.54
N ILE A 50 15.81 17.85 24.85
CA ILE A 50 14.83 16.75 24.71
C ILE A 50 14.45 16.21 26.08
N PRO A 51 15.41 15.80 26.91
CA PRO A 51 15.04 15.29 28.25
C PRO A 51 14.17 16.23 29.06
N LYS A 52 14.47 17.53 29.01
CA LYS A 52 13.67 18.52 29.73
C LYS A 52 12.26 18.60 29.18
N PHE A 53 12.11 18.56 27.86
CA PHE A 53 10.78 18.51 27.26
C PHE A 53 10.02 17.26 27.72
N VAL A 54 10.69 16.11 27.74
CA VAL A 54 10.02 14.89 28.17
C VAL A 54 9.56 15.01 29.63
N SER A 55 10.34 15.68 30.46
CA SER A 55 9.94 15.86 31.85
C SER A 55 8.74 16.79 31.95
N PHE A 56 8.74 17.87 31.19
CA PHE A 56 7.55 18.72 31.15
C PHE A 56 6.31 17.96 30.74
N LEU A 57 6.44 16.90 29.93
CA LEU A 57 5.25 16.11 29.59
C LEU A 57 4.57 15.50 30.80
N GLY A 58 5.28 15.37 31.91
CA GLY A 58 4.68 14.86 33.13
C GLY A 58 4.07 15.90 34.03
N LYS A 59 4.33 17.19 33.79
CA LYS A 59 3.85 18.27 34.66
C LYS A 59 2.35 18.46 34.47
N THR A 60 1.57 17.56 35.08
CA THR A 60 0.12 17.58 34.92
C THR A 60 -0.50 18.90 35.35
N ASP A 61 0.11 19.58 36.33
CA ASP A 61 -0.41 20.87 36.78
C ASP A 61 -0.45 21.88 35.63
N CYS A 62 0.72 22.19 35.06
CA CYS A 62 0.86 23.18 34.01
C CYS A 62 0.58 22.51 32.67
N SER A 63 -0.71 22.29 32.39
CA SER A 63 -1.06 21.66 31.12
C SER A 63 -0.57 22.48 29.93
N PRO A 64 -0.51 23.82 29.96
CA PRO A 64 0.08 24.52 28.81
C PRO A 64 1.50 24.09 28.50
N ILE A 65 2.34 23.85 29.50
CA ILE A 65 3.70 23.42 29.18
C ILE A 65 3.67 21.96 28.72
N GLN A 66 2.72 21.17 29.17
CA GLN A 66 2.57 19.83 28.62
C GLN A 66 2.29 19.90 27.13
N PHE A 67 1.32 20.74 26.75
CA PHE A 67 0.93 20.91 25.36
C PHE A 67 2.09 21.43 24.52
N GLU A 68 2.79 22.45 25.02
CA GLU A 68 3.90 23.03 24.25
C GLU A 68 5.03 22.03 24.07
N SER A 69 5.32 21.24 25.11
CA SER A 69 6.38 20.23 24.99
C SER A 69 5.98 19.14 23.99
N ALA A 70 4.76 18.62 24.10
CA ALA A 70 4.31 17.61 23.15
C ALA A 70 4.41 18.11 21.72
N TRP A 71 4.10 19.39 21.48
CA TRP A 71 4.17 19.91 20.12
C TRP A 71 5.62 20.02 19.66
N ALA A 72 6.49 20.58 20.51
CA ALA A 72 7.91 20.65 20.17
C ALA A 72 8.47 19.27 19.83
N LEU A 73 8.13 18.26 20.63
CA LEU A 73 8.71 16.93 20.46
C LEU A 73 8.09 16.20 19.27
N THR A 74 6.81 16.42 19.02
CA THR A 74 6.21 15.94 17.78
C THR A 74 7.02 16.40 16.58
N ASN A 75 7.45 17.67 16.59
CA ASN A 75 8.12 18.20 15.42
C ASN A 75 9.56 17.72 15.33
N ILE A 76 10.21 17.47 16.47
CA ILE A 76 11.52 16.85 16.45
C ILE A 76 11.40 15.41 15.97
N ALA A 77 10.42 14.67 16.48
CA ALA A 77 10.26 13.27 16.08
C ALA A 77 9.85 13.12 14.62
N SER A 78 9.35 14.18 14.01
CA SER A 78 8.96 14.15 12.61
C SER A 78 10.12 14.29 11.64
N GLY A 79 11.36 14.40 12.11
CA GLY A 79 12.48 14.57 11.20
C GLY A 79 13.13 13.25 10.83
N THR A 80 14.46 13.26 10.71
CA THR A 80 15.21 12.07 10.35
C THR A 80 15.08 10.98 11.42
N SER A 81 15.47 9.76 11.05
CA SER A 81 15.54 8.68 12.02
C SER A 81 16.46 9.04 13.18
N GLU A 82 17.60 9.66 12.88
CA GLU A 82 18.51 10.08 13.94
C GLU A 82 17.82 11.03 14.92
N GLN A 83 16.99 11.94 14.41
CA GLN A 83 16.28 12.88 15.28
C GLN A 83 15.15 12.21 16.02
N THR A 84 14.41 11.32 15.36
CA THR A 84 13.38 10.56 16.05
C THR A 84 14.00 9.71 17.14
N LYS A 85 15.21 9.18 16.88
CA LYS A 85 15.87 8.36 17.89
C LYS A 85 16.21 9.19 19.12
N ALA A 86 16.66 10.43 18.94
CA ALA A 86 16.96 11.26 20.12
C ALA A 86 15.73 11.41 20.99
N VAL A 87 14.54 11.53 20.37
CA VAL A 87 13.31 11.66 21.15
C VAL A 87 13.04 10.38 21.94
N VAL A 88 13.29 9.23 21.32
CA VAL A 88 13.07 7.94 21.97
C VAL A 88 14.08 7.71 23.10
N ASP A 89 15.35 8.00 22.83
CA ASP A 89 16.38 7.85 23.86
C ASP A 89 16.11 8.78 25.03
N GLY A 90 15.41 9.89 24.79
CA GLY A 90 14.99 10.82 25.82
C GLY A 90 13.84 10.35 26.67
N GLY A 91 13.37 9.12 26.47
CA GLY A 91 12.29 8.56 27.27
C GLY A 91 10.89 9.00 26.87
N ALA A 92 10.71 9.54 25.67
CA ALA A 92 9.46 10.21 25.32
C ALA A 92 8.29 9.26 25.19
N ILE A 93 8.50 8.00 24.79
CA ILE A 93 7.36 7.13 24.49
C ILE A 93 6.48 6.89 25.71
N PRO A 94 6.99 6.40 26.85
CA PRO A 94 6.12 6.27 28.02
C PRO A 94 5.40 7.56 28.39
N ALA A 95 6.09 8.70 28.25
CA ALA A 95 5.47 9.96 28.65
C ALA A 95 4.29 10.31 27.76
N PHE A 96 4.43 10.10 26.45
CA PHE A 96 3.30 10.34 25.55
C PHE A 96 2.18 9.36 25.83
N ILE A 97 2.52 8.09 26.05
CA ILE A 97 1.49 7.11 26.36
C ILE A 97 0.69 7.56 27.58
N SER A 98 1.37 8.06 28.63
CA SER A 98 0.66 8.57 29.80
C SER A 98 -0.31 9.69 29.43
N LEU A 99 0.07 10.58 28.52
CA LEU A 99 -0.80 11.70 28.18
C LEU A 99 -2.01 11.30 27.36
N LEU A 100 -2.03 10.10 26.80
CA LEU A 100 -3.21 9.66 26.07
C LEU A 100 -4.46 9.72 26.92
N ALA A 101 -4.33 9.65 28.23
CA ALA A 101 -5.46 9.69 29.15
C ALA A 101 -5.74 11.08 29.70
N SER A 102 -5.06 12.10 29.19
CA SER A 102 -5.25 13.45 29.70
C SER A 102 -6.71 13.87 29.54
N PRO A 103 -7.30 14.53 30.54
CA PRO A 103 -8.64 15.11 30.36
C PRO A 103 -8.69 16.21 29.32
N HIS A 104 -7.55 16.80 28.97
CA HIS A 104 -7.48 17.83 27.94
C HIS A 104 -7.37 17.18 26.57
N ALA A 105 -8.44 17.24 25.78
CA ALA A 105 -8.44 16.52 24.49
C ALA A 105 -7.28 16.94 23.60
N HIS A 106 -6.95 18.23 23.58
CA HIS A 106 -5.91 18.69 22.66
C HIS A 106 -4.53 18.21 23.07
N ILE A 107 -4.30 17.97 24.35
CA ILE A 107 -3.04 17.34 24.76
C ILE A 107 -3.04 15.88 24.33
N SER A 108 -4.13 15.17 24.58
CA SER A 108 -4.19 13.79 24.17
C SER A 108 -3.97 13.66 22.67
N GLU A 109 -4.61 14.52 21.88
CA GLU A 109 -4.43 14.48 20.43
C GLU A 109 -2.97 14.66 20.06
N GLN A 110 -2.29 15.60 20.71
CA GLN A 110 -0.90 15.86 20.34
C GLN A 110 0.00 14.67 20.69
N ALA A 111 -0.33 13.94 21.75
CA ALA A 111 0.43 12.74 22.08
C ALA A 111 0.18 11.63 21.07
N VAL A 112 -1.06 11.49 20.61
CA VAL A 112 -1.36 10.55 19.52
C VAL A 112 -0.52 10.89 18.29
N TRP A 113 -0.45 12.17 17.95
CA TRP A 113 0.32 12.59 16.79
C TRP A 113 1.80 12.25 16.97
N ALA A 114 2.38 12.62 18.11
CA ALA A 114 3.79 12.32 18.38
C ALA A 114 4.08 10.83 18.25
N LEU A 115 3.21 10.00 18.80
CA LEU A 115 3.43 8.57 18.73
C LEU A 115 3.32 8.08 17.29
N GLY A 116 2.44 8.70 16.51
CA GLY A 116 2.40 8.38 15.09
C GLY A 116 3.73 8.64 14.40
N ASN A 117 4.38 9.77 14.71
CA ASN A 117 5.67 10.04 14.06
C ASN A 117 6.73 9.05 14.50
N ILE A 118 6.71 8.66 15.78
CA ILE A 118 7.71 7.72 16.28
C ILE A 118 7.52 6.37 15.62
N ALA A 119 6.28 5.86 15.63
CA ALA A 119 6.02 4.56 15.01
C ALA A 119 6.28 4.61 13.51
N GLY A 120 6.08 5.76 12.88
CA GLY A 120 6.26 5.88 11.44
C GLY A 120 7.70 5.80 10.99
N ASP A 121 8.65 5.79 11.94
CA ASP A 121 10.04 5.70 11.56
C ASP A 121 10.41 4.33 11.04
N GLY A 122 9.78 3.27 11.52
CA GLY A 122 10.15 1.94 11.09
C GLY A 122 9.70 0.88 12.07
N SER A 123 9.97 -0.37 11.68
CA SER A 123 9.57 -1.52 12.47
C SER A 123 10.11 -1.42 13.89
N ALA A 124 11.39 -1.04 14.03
CA ALA A 124 12.01 -1.04 15.34
C ALA A 124 11.27 -0.12 16.30
N PHE A 125 11.03 1.13 15.88
CA PHE A 125 10.38 2.08 16.78
C PHE A 125 8.90 1.76 16.92
N ARG A 126 8.29 1.18 15.88
CA ARG A 126 6.91 0.74 15.98
C ARG A 126 6.76 -0.28 17.10
N ASP A 127 7.70 -1.23 17.21
CA ASP A 127 7.59 -2.26 18.24
C ASP A 127 7.87 -1.69 19.62
N LEU A 128 8.80 -0.75 19.73
CA LEU A 128 8.93 -0.04 20.99
C LEU A 128 7.59 0.52 21.44
N VAL A 129 6.89 1.22 20.53
CA VAL A 129 5.66 1.89 20.91
C VAL A 129 4.64 0.87 21.38
N ILE A 130 4.59 -0.29 20.71
CA ILE A 130 3.68 -1.35 21.10
C ILE A 130 4.10 -1.96 22.43
N LYS A 131 5.41 -2.13 22.65
CA LYS A 131 5.90 -2.74 23.90
C LYS A 131 5.58 -1.88 25.11
N HIS A 132 5.73 -0.57 25.00
CA HIS A 132 5.32 0.30 26.08
C HIS A 132 3.81 0.32 26.31
N GLY A 133 3.03 -0.44 25.55
CA GLY A 133 1.59 -0.53 25.79
C GLY A 133 0.75 0.58 25.19
N ALA A 134 1.06 1.03 23.98
CA ALA A 134 0.30 2.14 23.41
C ALA A 134 -1.08 1.73 22.90
N ILE A 135 -1.26 0.48 22.48
CA ILE A 135 -2.49 0.11 21.78
C ILE A 135 -3.71 0.25 22.68
N ASP A 136 -3.62 -0.21 23.92
CA ASP A 136 -4.80 -0.16 24.80
C ASP A 136 -5.33 1.25 24.95
N PRO A 137 -4.54 2.23 25.41
CA PRO A 137 -5.11 3.57 25.60
C PRO A 137 -5.55 4.21 24.28
N LEU A 138 -4.90 3.90 23.17
CA LEU A 138 -5.34 4.41 21.88
C LEU A 138 -6.73 3.89 21.54
N LEU A 139 -6.93 2.57 21.65
CA LEU A 139 -8.23 2.00 21.32
C LEU A 139 -9.30 2.48 22.28
N ALA A 140 -8.94 2.76 23.53
CA ALA A 140 -9.93 3.27 24.47
C ALA A 140 -10.47 4.62 24.04
N LEU A 141 -9.63 5.44 23.38
CA LEU A 141 -10.11 6.71 22.84
C LEU A 141 -11.13 6.53 21.74
N LEU A 142 -11.14 5.38 21.07
CA LEU A 142 -12.08 5.11 19.99
C LEU A 142 -13.24 4.23 20.43
N ALA A 143 -13.37 3.99 21.74
CA ALA A 143 -14.40 3.11 22.29
C ALA A 143 -15.78 3.74 22.36
N VAL A 144 -15.95 4.96 21.87
CA VAL A 144 -17.25 5.63 21.91
C VAL A 144 -18.20 4.96 20.92
N PRO A 145 -19.48 4.78 21.24
CA PRO A 145 -20.37 4.06 20.31
C PRO A 145 -20.57 4.78 18.98
N ASP A 146 -20.51 6.11 18.96
CA ASP A 146 -20.67 6.89 17.74
C ASP A 146 -19.37 7.66 17.47
N LEU A 147 -18.66 7.31 16.40
CA LEU A 147 -17.38 7.94 16.14
C LEU A 147 -17.52 9.42 15.77
N SER A 148 -18.71 9.85 15.35
CA SER A 148 -18.89 11.24 14.94
C SER A 148 -18.86 12.21 16.12
N THR A 149 -18.85 11.70 17.35
CA THR A 149 -18.72 12.57 18.52
C THR A 149 -17.30 13.07 18.71
N LEU A 150 -16.30 12.35 18.18
CA LEU A 150 -14.93 12.83 18.24
C LEU A 150 -14.72 13.92 17.20
N ALA A 151 -13.89 14.90 17.56
CA ALA A 151 -13.52 15.94 16.60
C ALA A 151 -12.87 15.31 15.37
N CYS A 152 -13.20 15.87 14.20
CA CYS A 152 -12.71 15.31 12.95
C CYS A 152 -11.19 15.20 12.95
N GLY A 153 -10.50 16.24 13.38
CA GLY A 153 -9.04 16.20 13.40
C GLY A 153 -8.51 15.17 14.36
N TYR A 154 -9.12 15.06 15.55
CA TYR A 154 -8.74 14.05 16.52
C TYR A 154 -8.87 12.66 15.92
N LEU A 155 -10.03 12.37 15.34
CA LEU A 155 -10.29 11.04 14.81
C LEU A 155 -9.34 10.72 13.67
N ARG A 156 -9.01 11.71 12.84
CA ARG A 156 -8.07 11.51 11.76
C ARG A 156 -6.69 11.13 12.28
N ASN A 157 -6.19 11.85 13.29
CA ASN A 157 -4.86 11.56 13.82
C ASN A 157 -4.81 10.17 14.46
N LEU A 158 -5.88 9.77 15.15
CA LEU A 158 -5.95 8.43 15.71
C LEU A 158 -5.90 7.37 14.61
N THR A 159 -6.67 7.59 13.55
CA THR A 159 -6.61 6.66 12.41
C THR A 159 -5.21 6.64 11.80
N TRP A 160 -4.59 7.80 11.62
CA TRP A 160 -3.26 7.80 11.02
C TRP A 160 -2.23 7.11 11.92
N THR A 161 -2.27 7.34 13.23
CA THR A 161 -1.33 6.69 14.13
C THR A 161 -1.56 5.19 14.22
N LEU A 162 -2.83 4.75 14.33
CA LEU A 162 -3.11 3.32 14.26
C LEU A 162 -2.57 2.73 12.96
N SER A 163 -2.69 3.46 11.84
CA SER A 163 -2.23 2.87 10.58
C SER A 163 -0.72 2.69 10.61
N ASN A 164 0.01 3.59 11.28
CA ASN A 164 1.44 3.44 11.37
C ASN A 164 1.84 2.29 12.29
N LEU A 165 0.98 1.89 13.24
CA LEU A 165 1.28 0.70 14.03
C LEU A 165 1.09 -0.59 13.23
N CYS A 166 0.36 -0.56 12.12
CA CYS A 166 0.21 -1.69 11.21
C CYS A 166 1.29 -1.77 10.15
N ARG A 167 2.04 -0.70 9.96
CA ARG A 167 2.95 -0.50 8.83
C ARG A 167 4.28 -1.22 9.02
N ASN A 168 4.93 -1.46 7.88
CA ASN A 168 6.32 -1.89 7.80
C ASN A 168 6.49 -3.37 8.10
N LYS A 169 7.63 -3.92 7.71
CA LYS A 169 7.87 -5.36 7.76
C LYS A 169 9.29 -5.60 8.26
N ASN A 170 9.68 -6.86 8.28
CA ASN A 170 11.03 -7.29 8.70
C ASN A 170 11.45 -6.60 9.99
N PRO A 171 10.72 -6.89 11.07
CA PRO A 171 9.55 -7.78 11.13
C PRO A 171 8.19 -7.06 10.95
N ALA A 172 7.16 -7.86 10.68
CA ALA A 172 5.80 -7.37 10.64
C ALA A 172 5.33 -7.11 12.06
N PRO A 173 4.22 -6.39 12.25
CA PRO A 173 3.72 -6.16 13.61
C PRO A 173 3.38 -7.48 14.28
N PRO A 174 3.45 -7.53 15.61
CA PRO A 174 3.13 -8.79 16.30
C PRO A 174 1.67 -9.18 16.11
N LEU A 175 1.43 -10.48 15.96
CA LEU A 175 0.07 -10.95 15.70
C LEU A 175 -0.90 -10.53 16.80
N ASP A 176 -0.46 -10.56 18.05
CA ASP A 176 -1.29 -10.10 19.16
C ASP A 176 -1.78 -8.69 18.91
N ALA A 177 -0.88 -7.80 18.50
CA ALA A 177 -1.24 -6.41 18.29
C ALA A 177 -2.22 -6.27 17.12
N VAL A 178 -1.98 -7.02 16.04
CA VAL A 178 -2.88 -6.92 14.90
C VAL A 178 -4.28 -7.36 15.29
N GLU A 179 -4.39 -8.51 15.96
CA GLU A 179 -5.70 -8.99 16.36
C GLU A 179 -6.38 -8.02 17.33
N GLN A 180 -5.60 -7.30 18.14
CA GLN A 180 -6.20 -6.31 19.03
C GLN A 180 -6.71 -5.09 18.28
N ILE A 181 -6.02 -4.70 17.20
CA ILE A 181 -6.35 -3.47 16.48
C ILE A 181 -7.46 -3.68 15.46
N LEU A 182 -7.60 -4.88 14.90
CA LEU A 182 -8.48 -5.08 13.76
C LEU A 182 -9.92 -4.66 13.99
N PRO A 183 -10.57 -5.02 15.10
CA PRO A 183 -11.97 -4.60 15.28
C PRO A 183 -12.17 -3.09 15.17
N THR A 184 -11.28 -2.30 15.77
CA THR A 184 -11.41 -0.85 15.63
C THR A 184 -11.19 -0.43 14.19
N LEU A 185 -10.27 -1.09 13.50
CA LEU A 185 -10.01 -0.79 12.11
C LEU A 185 -11.24 -1.06 11.24
N VAL A 186 -12.00 -2.10 11.57
CA VAL A 186 -13.21 -2.39 10.81
C VAL A 186 -14.22 -1.26 10.98
N ARG A 187 -14.39 -0.78 12.21
CA ARG A 187 -15.30 0.35 12.42
C ARG A 187 -14.84 1.56 11.64
N LEU A 188 -13.53 1.85 11.66
CA LEU A 188 -13.07 3.05 10.96
C LEU A 188 -13.27 2.94 9.46
N LEU A 189 -13.20 1.73 8.92
CA LEU A 189 -13.39 1.50 7.49
C LEU A 189 -14.81 1.78 7.03
N HIS A 190 -15.78 1.78 7.96
CA HIS A 190 -17.17 2.08 7.65
C HIS A 190 -17.53 3.52 7.98
N HIS A 191 -16.60 4.29 8.54
CA HIS A 191 -16.86 5.70 8.80
C HIS A 191 -17.07 6.44 7.48
N ASN A 192 -17.35 7.73 7.58
CA ASN A 192 -17.71 8.52 6.40
C ASN A 192 -16.66 9.52 5.98
N ASP A 193 -15.76 9.90 6.86
CA ASP A 193 -14.79 10.93 6.53
C ASP A 193 -13.81 10.40 5.47
N PRO A 194 -13.56 11.13 4.39
CA PRO A 194 -12.64 10.61 3.37
C PRO A 194 -11.27 10.24 3.90
N GLU A 195 -10.66 11.08 4.75
CA GLU A 195 -9.30 10.82 5.19
C GLU A 195 -9.24 9.61 6.12
N VAL A 196 -10.22 9.48 7.01
CA VAL A 196 -10.31 8.29 7.84
C VAL A 196 -10.37 7.05 6.97
N LEU A 197 -11.22 7.06 5.95
CA LEU A 197 -11.33 5.91 5.06
C LEU A 197 -10.00 5.61 4.40
N ALA A 198 -9.30 6.66 3.94
CA ALA A 198 -8.04 6.44 3.25
C ALA A 198 -7.03 5.78 4.17
N ASP A 199 -6.81 6.33 5.36
CA ASP A 199 -5.83 5.73 6.27
C ASP A 199 -6.24 4.34 6.75
N SER A 200 -7.54 4.09 6.94
CA SER A 200 -7.99 2.75 7.28
C SER A 200 -7.63 1.76 6.18
N CYS A 201 -7.84 2.16 4.91
CA CYS A 201 -7.46 1.32 3.77
C CYS A 201 -5.96 1.12 3.73
N TRP A 202 -5.19 2.16 4.03
CA TRP A 202 -3.74 1.98 4.06
C TRP A 202 -3.38 0.93 5.10
N ALA A 203 -4.01 0.98 6.27
CA ALA A 203 -3.72 0.01 7.31
C ALA A 203 -4.03 -1.39 6.82
N ILE A 204 -5.20 -1.60 6.22
CA ILE A 204 -5.53 -2.92 5.72
C ILE A 204 -4.53 -3.36 4.67
N SER A 205 -4.10 -2.45 3.80
CA SER A 205 -3.14 -2.83 2.78
C SER A 205 -1.80 -3.25 3.41
N TYR A 206 -1.41 -2.63 4.53
CA TYR A 206 -0.21 -3.06 5.23
C TYR A 206 -0.41 -4.46 5.83
N LEU A 207 -1.53 -4.67 6.51
CA LEU A 207 -1.74 -5.95 7.17
C LEU A 207 -1.87 -7.10 6.19
N THR A 208 -2.35 -6.85 4.98
CA THR A 208 -2.48 -7.91 3.99
C THR A 208 -1.21 -8.11 3.17
N ASP A 209 -0.18 -7.31 3.39
CA ASP A 209 1.08 -7.43 2.69
C ASP A 209 1.96 -8.40 3.49
N GLY A 210 1.81 -9.68 3.21
CA GLY A 210 2.51 -10.69 3.96
C GLY A 210 1.96 -12.07 3.68
N PRO A 211 2.27 -13.02 4.55
CA PRO A 211 1.85 -14.41 4.32
C PRO A 211 0.34 -14.56 4.32
N ASN A 212 -0.12 -15.65 3.74
CA ASN A 212 -1.56 -15.92 3.69
C ASN A 212 -2.19 -15.91 5.07
N GLU A 213 -1.44 -16.29 6.10
CA GLU A 213 -1.96 -16.28 7.47
C GLU A 213 -2.45 -14.88 7.85
N ARG A 214 -1.66 -13.85 7.56
CA ARG A 214 -2.08 -12.49 7.82
C ARG A 214 -3.28 -12.10 6.95
N ILE A 215 -3.32 -12.58 5.70
CA ILE A 215 -4.46 -12.27 4.84
C ILE A 215 -5.73 -12.82 5.46
N GLU A 216 -5.65 -14.00 6.08
CA GLU A 216 -6.84 -14.64 6.63
C GLU A 216 -7.34 -13.89 7.86
N MET A 217 -6.44 -13.35 8.67
CA MET A 217 -6.87 -12.52 9.79
C MET A 217 -7.77 -11.38 9.32
N VAL A 218 -7.33 -10.64 8.31
CA VAL A 218 -8.10 -9.50 7.83
C VAL A 218 -9.39 -9.97 7.15
N VAL A 219 -9.29 -10.98 6.28
CA VAL A 219 -10.46 -11.48 5.55
C VAL A 219 -11.53 -11.97 6.50
N LYS A 220 -11.15 -12.73 7.54
CA LYS A 220 -12.13 -13.30 8.44
C LYS A 220 -12.92 -12.23 9.18
N LYS A 221 -12.44 -11.00 9.19
CA LYS A 221 -13.18 -9.91 9.83
C LYS A 221 -14.30 -9.34 8.97
N GLY A 222 -14.46 -9.78 7.72
CA GLY A 222 -15.56 -9.34 6.89
C GLY A 222 -15.38 -8.03 6.15
N VAL A 223 -14.13 -7.58 5.95
CA VAL A 223 -13.90 -6.25 5.40
C VAL A 223 -14.00 -6.19 3.89
N VAL A 224 -14.02 -7.34 3.21
CA VAL A 224 -13.85 -7.33 1.76
C VAL A 224 -14.98 -6.60 1.06
N PRO A 225 -16.25 -6.80 1.40
CA PRO A 225 -17.32 -6.03 0.73
C PRO A 225 -17.14 -4.53 0.86
N GLN A 226 -16.66 -4.05 2.00
CA GLN A 226 -16.45 -2.61 2.16
C GLN A 226 -15.20 -2.14 1.41
N LEU A 227 -14.15 -2.97 1.35
CA LEU A 227 -13.02 -2.63 0.50
C LEU A 227 -13.46 -2.47 -0.95
N VAL A 228 -14.35 -3.35 -1.42
CA VAL A 228 -14.79 -3.28 -2.80
C VAL A 228 -15.60 -2.02 -3.03
N LYS A 229 -16.50 -1.67 -2.10
CA LYS A 229 -17.23 -0.43 -2.22
C LYS A 229 -16.27 0.77 -2.29
N LEU A 230 -15.23 0.77 -1.46
CA LEU A 230 -14.26 1.87 -1.51
C LEU A 230 -13.41 1.84 -2.77
N LEU A 231 -13.30 0.68 -3.40
CA LEU A 231 -12.65 0.59 -4.69
C LEU A 231 -13.44 1.38 -5.75
N GLY A 232 -14.76 1.40 -5.63
CA GLY A 232 -15.59 2.14 -6.53
C GLY A 232 -15.72 3.61 -6.19
N ALA A 233 -14.99 4.10 -5.21
CA ALA A 233 -15.11 5.50 -4.84
C ALA A 233 -14.55 6.37 -5.96
N THR A 234 -14.87 7.66 -5.89
CA THR A 234 -14.36 8.63 -6.85
C THR A 234 -13.10 9.34 -6.37
N GLU A 235 -12.82 9.33 -5.07
CA GLU A 235 -11.64 9.98 -4.51
C GLU A 235 -10.42 9.07 -4.70
N LEU A 236 -9.48 9.52 -5.52
CA LEU A 236 -8.26 8.74 -5.77
C LEU A 236 -7.50 8.36 -4.50
N PRO A 237 -7.42 9.20 -3.46
CA PRO A 237 -6.71 8.78 -2.23
C PRO A 237 -7.38 7.66 -1.48
N ILE A 238 -8.65 7.34 -1.77
CA ILE A 238 -9.27 6.15 -1.24
C ILE A 238 -9.04 4.95 -2.16
N VAL A 239 -9.16 5.13 -3.47
CA VAL A 239 -9.08 4.01 -4.39
C VAL A 239 -7.69 3.38 -4.34
N THR A 240 -6.66 4.20 -4.29
CA THR A 240 -5.29 3.70 -4.29
C THR A 240 -5.06 2.68 -3.18
N PRO A 241 -5.22 3.04 -1.90
CA PRO A 241 -5.03 2.02 -0.84
C PRO A 241 -6.02 0.88 -0.90
N ALA A 242 -7.26 1.13 -1.33
CA ALA A 242 -8.23 0.04 -1.40
C ALA A 242 -7.80 -0.99 -2.44
N LEU A 243 -7.42 -0.50 -3.62
CA LEU A 243 -6.90 -1.35 -4.68
C LEU A 243 -5.63 -2.06 -4.25
N ARG A 244 -4.75 -1.38 -3.53
CA ARG A 244 -3.58 -2.05 -2.97
C ARG A 244 -4.00 -3.23 -2.08
N ALA A 245 -5.00 -3.02 -1.21
CA ALA A 245 -5.43 -4.08 -0.29
C ALA A 245 -6.05 -5.25 -1.05
N ILE A 246 -6.92 -4.95 -2.02
CA ILE A 246 -7.52 -6.00 -2.83
C ILE A 246 -6.44 -6.77 -3.59
N GLY A 247 -5.48 -6.05 -4.15
CA GLY A 247 -4.39 -6.71 -4.82
C GLY A 247 -3.67 -7.70 -3.92
N ASN A 248 -3.40 -7.29 -2.67
CA ASN A 248 -2.72 -8.20 -1.74
C ASN A 248 -3.58 -9.43 -1.48
N ILE A 249 -4.89 -9.24 -1.30
CA ILE A 249 -5.74 -10.35 -0.89
C ILE A 249 -5.79 -11.41 -1.98
N VAL A 250 -5.80 -11.00 -3.25
CA VAL A 250 -5.86 -11.98 -4.33
C VAL A 250 -4.50 -12.60 -4.63
N THR A 251 -3.46 -12.25 -3.88
CA THR A 251 -2.24 -13.06 -3.92
C THR A 251 -2.36 -14.33 -3.09
N GLY A 252 -3.36 -14.41 -2.22
CA GLY A 252 -3.51 -15.57 -1.35
C GLY A 252 -4.12 -16.75 -2.07
N THR A 253 -5.02 -17.45 -1.39
CA THR A 253 -5.55 -18.71 -1.87
C THR A 253 -6.73 -18.47 -2.82
N ASP A 254 -7.12 -19.55 -3.49
CA ASP A 254 -8.28 -19.47 -4.38
C ASP A 254 -9.54 -19.12 -3.60
N GLU A 255 -9.61 -19.50 -2.34
CA GLU A 255 -10.75 -19.17 -1.51
C GLU A 255 -10.75 -17.70 -1.09
N GLN A 256 -9.58 -17.13 -0.81
CA GLN A 256 -9.53 -15.70 -0.49
C GLN A 256 -9.77 -14.85 -1.74
N THR A 257 -9.25 -15.28 -2.89
CA THR A 257 -9.55 -14.56 -4.13
C THR A 257 -11.05 -14.59 -4.40
N GLN A 258 -11.68 -15.74 -4.17
CA GLN A 258 -13.11 -15.85 -4.45
C GLN A 258 -13.92 -14.88 -3.64
N LYS A 259 -13.47 -14.54 -2.42
CA LYS A 259 -14.22 -13.57 -1.63
C LYS A 259 -14.16 -12.18 -2.26
N VAL A 260 -13.04 -11.85 -2.90
CA VAL A 260 -12.97 -10.59 -3.64
C VAL A 260 -13.96 -10.59 -4.80
N ILE A 261 -14.03 -11.70 -5.55
CA ILE A 261 -14.96 -11.83 -6.66
C ILE A 261 -16.41 -11.81 -6.17
N ASP A 262 -16.70 -12.53 -5.07
CA ASP A 262 -18.05 -12.57 -4.49
C ASP A 262 -18.53 -11.18 -4.09
N ALA A 263 -17.63 -10.31 -3.63
CA ALA A 263 -17.99 -8.96 -3.23
C ALA A 263 -18.21 -8.03 -4.41
N GLY A 264 -18.05 -8.53 -5.65
CA GLY A 264 -18.32 -7.73 -6.83
C GLY A 264 -17.15 -6.94 -7.37
N ALA A 265 -15.91 -7.28 -7.03
CA ALA A 265 -14.79 -6.43 -7.41
C ALA A 265 -14.66 -6.33 -8.94
N LEU A 266 -15.01 -7.39 -9.66
CA LEU A 266 -14.79 -7.38 -11.10
C LEU A 266 -15.68 -6.36 -11.82
N ALA A 267 -16.76 -5.90 -11.19
CA ALA A 267 -17.57 -4.86 -11.82
C ALA A 267 -16.86 -3.51 -11.85
N VAL A 268 -15.89 -3.27 -10.97
CA VAL A 268 -15.19 -1.99 -10.93
C VAL A 268 -13.98 -1.97 -11.84
N PHE A 269 -13.43 -3.13 -12.20
CA PHE A 269 -12.13 -3.14 -12.87
C PHE A 269 -12.11 -2.50 -14.26
N PRO A 270 -13.20 -2.46 -15.03
CA PRO A 270 -13.10 -1.75 -16.31
C PRO A 270 -12.67 -0.31 -16.15
N SER A 271 -13.18 0.40 -15.14
CA SER A 271 -12.75 1.79 -14.94
C SER A 271 -11.34 1.86 -14.36
N LEU A 272 -10.95 0.93 -13.50
CA LEU A 272 -9.57 0.87 -13.03
C LEU A 272 -8.58 0.62 -14.17
N LEU A 273 -8.89 -0.33 -15.06
CA LEU A 273 -7.98 -0.62 -16.18
C LEU A 273 -7.92 0.52 -17.20
N THR A 274 -8.89 1.43 -17.19
CA THR A 274 -8.84 2.62 -18.05
C THR A 274 -8.71 3.91 -17.24
N ASN A 275 -8.29 3.81 -15.99
CA ASN A 275 -8.09 4.99 -15.16
C ASN A 275 -7.02 5.89 -15.79
N PRO A 276 -7.18 7.21 -15.72
CA PRO A 276 -6.14 8.08 -16.31
C PRO A 276 -4.83 8.06 -15.54
N LYS A 277 -4.82 7.69 -14.26
CA LYS A 277 -3.58 7.56 -13.52
C LYS A 277 -2.90 6.22 -13.84
N THR A 278 -1.73 6.30 -14.46
CA THR A 278 -0.95 5.11 -14.84
C THR A 278 -0.73 4.13 -13.69
N ASN A 279 -0.48 4.65 -12.48
CA ASN A 279 -0.27 3.79 -11.32
C ASN A 279 -1.49 2.91 -11.04
N ILE A 280 -2.70 3.45 -11.20
CA ILE A 280 -3.88 2.66 -10.97
C ILE A 280 -4.01 1.57 -12.02
N GLN A 281 -3.77 1.91 -13.30
CA GLN A 281 -3.89 0.90 -14.34
C GLN A 281 -2.91 -0.25 -14.07
N LYS A 282 -1.66 0.11 -13.77
CA LYS A 282 -0.64 -0.90 -13.52
C LYS A 282 -1.03 -1.79 -12.34
N GLU A 283 -1.51 -1.18 -11.25
CA GLU A 283 -1.91 -1.95 -10.08
C GLU A 283 -3.10 -2.84 -10.39
N ALA A 284 -4.05 -2.34 -11.19
CA ALA A 284 -5.26 -3.11 -11.49
C ALA A 284 -4.96 -4.25 -12.44
N THR A 285 -4.05 -4.05 -13.39
CA THR A 285 -3.62 -5.13 -14.27
C THR A 285 -2.86 -6.21 -13.50
N TRP A 286 -1.95 -5.81 -12.60
CA TRP A 286 -1.26 -6.78 -11.76
C TRP A 286 -2.28 -7.63 -10.98
N THR A 287 -3.27 -6.96 -10.38
CA THR A 287 -4.32 -7.66 -9.66
C THR A 287 -5.08 -8.63 -10.57
N MET A 288 -5.27 -8.27 -11.84
CA MET A 288 -5.96 -9.17 -12.77
C MET A 288 -5.14 -10.40 -13.10
N SER A 289 -3.81 -10.27 -13.14
CA SER A 289 -2.95 -11.40 -13.47
C SER A 289 -2.99 -12.46 -12.36
N ASN A 290 -3.12 -12.05 -11.10
CA ASN A 290 -3.25 -13.04 -10.03
C ASN A 290 -4.64 -13.65 -9.96
N ILE A 291 -5.67 -12.94 -10.45
CA ILE A 291 -7.00 -13.55 -10.57
C ILE A 291 -7.00 -14.58 -11.70
N THR A 292 -6.49 -14.21 -12.88
CA THR A 292 -6.43 -15.16 -13.97
C THR A 292 -5.48 -16.31 -13.70
N ALA A 293 -4.71 -16.24 -12.60
CA ALA A 293 -3.90 -17.35 -12.14
C ALA A 293 -4.68 -18.34 -11.29
N GLY A 294 -5.97 -18.12 -11.09
CA GLY A 294 -6.77 -18.96 -10.21
C GLY A 294 -7.50 -20.08 -10.92
N ARG A 295 -8.60 -20.51 -10.32
CA ARG A 295 -9.38 -21.63 -10.83
C ARG A 295 -10.04 -21.29 -12.17
N GLN A 296 -10.36 -22.34 -12.92
CA GLN A 296 -10.99 -22.15 -14.22
C GLN A 296 -12.34 -21.45 -14.07
N ASP A 297 -13.06 -21.72 -12.98
CA ASP A 297 -14.32 -21.03 -12.76
C ASP A 297 -14.10 -19.55 -12.43
N GLN A 298 -12.94 -19.20 -11.87
CA GLN A 298 -12.66 -17.79 -11.62
C GLN A 298 -12.22 -17.07 -12.89
N ILE A 299 -11.48 -17.75 -13.77
CA ILE A 299 -11.24 -17.21 -15.10
C ILE A 299 -12.56 -16.95 -15.81
N GLN A 300 -13.55 -17.80 -15.56
CA GLN A 300 -14.83 -17.67 -16.26
C GLN A 300 -15.58 -16.43 -15.80
N GLN A 301 -15.44 -16.07 -14.54
CA GLN A 301 -16.06 -14.84 -14.07
C GLN A 301 -15.37 -13.61 -14.64
N VAL A 302 -14.07 -13.71 -14.93
CA VAL A 302 -13.40 -12.65 -15.66
C VAL A 302 -14.02 -12.52 -17.05
N VAL A 303 -14.29 -13.65 -17.70
CA VAL A 303 -14.92 -13.64 -19.00
C VAL A 303 -16.32 -13.03 -18.92
N ASN A 304 -17.11 -13.47 -17.94
CA ASN A 304 -18.51 -13.08 -17.86
C ASN A 304 -18.67 -11.61 -17.48
N HIS A 305 -17.74 -11.04 -16.73
CA HIS A 305 -17.75 -9.62 -16.46
C HIS A 305 -17.17 -8.79 -17.61
N GLY A 306 -16.94 -9.42 -18.76
CA GLY A 306 -16.52 -8.68 -19.94
C GLY A 306 -15.16 -8.02 -19.81
N LEU A 307 -14.24 -8.60 -19.04
CA LEU A 307 -12.98 -7.93 -18.77
C LEU A 307 -11.89 -8.25 -19.80
N VAL A 308 -12.01 -9.36 -20.54
CA VAL A 308 -10.97 -9.70 -21.51
C VAL A 308 -10.75 -8.57 -22.51
N PRO A 309 -11.77 -8.02 -23.16
CA PRO A 309 -11.52 -6.89 -24.07
C PRO A 309 -10.79 -5.74 -23.41
N PHE A 310 -10.95 -5.53 -22.10
CA PHE A 310 -10.20 -4.44 -21.48
C PHE A 310 -8.73 -4.81 -21.25
N LEU A 311 -8.44 -6.08 -20.97
CA LEU A 311 -7.02 -6.48 -20.86
C LEU A 311 -6.33 -6.40 -22.21
N VAL A 312 -7.03 -6.76 -23.29
CA VAL A 312 -6.48 -6.57 -24.62
C VAL A 312 -6.20 -5.09 -24.89
N GLY A 313 -7.15 -4.23 -24.51
CA GLY A 313 -6.91 -2.79 -24.60
C GLY A 313 -5.65 -2.34 -23.88
N VAL A 314 -5.50 -2.74 -22.61
CA VAL A 314 -4.29 -2.41 -21.86
C VAL A 314 -3.05 -2.89 -22.60
N LEU A 315 -3.05 -4.15 -23.03
CA LEU A 315 -1.91 -4.71 -23.74
C LEU A 315 -1.60 -3.91 -24.99
N SER A 316 -2.59 -3.26 -25.58
CA SER A 316 -2.39 -2.57 -26.85
C SER A 316 -1.95 -1.13 -26.67
N LYS A 317 -2.50 -0.44 -25.67
CA LYS A 317 -2.45 1.01 -25.62
C LYS A 317 -1.76 1.57 -24.40
N ALA A 318 -1.47 0.75 -23.39
CA ALA A 318 -0.93 1.27 -22.15
C ALA A 318 0.58 1.50 -22.27
N ASP A 319 1.15 2.12 -21.23
CA ASP A 319 2.59 2.28 -21.11
C ASP A 319 3.25 0.91 -20.97
N PHE A 320 4.58 0.87 -21.20
CA PHE A 320 5.24 -0.43 -21.29
C PHE A 320 5.18 -1.20 -19.98
N LYS A 321 5.29 -0.52 -18.84
CA LYS A 321 5.29 -1.25 -17.58
C LYS A 321 3.93 -1.91 -17.34
N THR A 322 2.84 -1.19 -17.62
CA THR A 322 1.53 -1.82 -17.52
C THR A 322 1.38 -2.92 -18.56
N GLN A 323 1.95 -2.73 -19.75
CA GLN A 323 1.87 -3.77 -20.78
C GLN A 323 2.54 -5.07 -20.29
N LYS A 324 3.64 -4.95 -19.55
CA LYS A 324 4.25 -6.14 -18.99
C LYS A 324 3.26 -6.88 -18.10
N GLU A 325 2.57 -6.15 -17.24
CA GLU A 325 1.61 -6.77 -16.34
C GLU A 325 0.50 -7.46 -17.13
N ALA A 326 0.03 -6.81 -18.20
CA ALA A 326 -1.07 -7.40 -18.97
C ALA A 326 -0.64 -8.72 -19.61
N ALA A 327 0.59 -8.75 -20.13
CA ALA A 327 1.15 -9.98 -20.67
C ALA A 327 1.14 -11.11 -19.65
N TRP A 328 1.59 -10.84 -18.44
CA TRP A 328 1.51 -11.84 -17.40
C TRP A 328 0.08 -12.34 -17.22
N ALA A 329 -0.89 -11.42 -17.21
CA ALA A 329 -2.27 -11.85 -17.05
C ALA A 329 -2.73 -12.74 -18.20
N ILE A 330 -2.18 -12.53 -19.39
CA ILE A 330 -2.53 -13.38 -20.53
C ILE A 330 -1.88 -14.75 -20.38
N THR A 331 -0.58 -14.78 -20.08
CA THR A 331 0.09 -16.06 -19.86
C THR A 331 -0.65 -16.89 -18.82
N ASN A 332 -0.97 -16.30 -17.66
CA ASN A 332 -1.69 -17.02 -16.62
C ASN A 332 -3.03 -17.51 -17.12
N TYR A 333 -3.73 -16.65 -17.87
CA TYR A 333 -5.01 -17.05 -18.45
C TYR A 333 -4.84 -18.26 -19.36
N THR A 334 -3.82 -18.23 -20.22
CA THR A 334 -3.70 -19.29 -21.22
C THR A 334 -3.16 -20.59 -20.64
N SER A 335 -2.43 -20.54 -19.52
CA SER A 335 -1.92 -21.75 -18.91
C SER A 335 -2.96 -22.43 -18.01
N GLY A 336 -3.91 -21.67 -17.48
CA GLY A 336 -4.92 -22.24 -16.61
C GLY A 336 -6.31 -22.35 -17.22
N GLY A 337 -6.51 -21.76 -18.40
CA GLY A 337 -7.84 -21.71 -18.97
C GLY A 337 -8.24 -22.95 -19.76
N THR A 338 -9.54 -23.11 -19.94
CA THR A 338 -10.06 -24.18 -20.76
C THR A 338 -9.84 -23.86 -22.23
N VAL A 339 -10.08 -24.85 -23.07
CA VAL A 339 -9.94 -24.64 -24.51
C VAL A 339 -10.93 -23.60 -24.98
N GLU A 340 -12.17 -23.66 -24.48
CA GLU A 340 -13.16 -22.69 -24.92
C GLU A 340 -12.83 -21.28 -24.44
N GLN A 341 -12.17 -21.15 -23.29
CA GLN A 341 -11.77 -19.83 -22.81
C GLN A 341 -10.66 -19.25 -23.69
N ILE A 342 -9.77 -20.10 -24.17
CA ILE A 342 -8.68 -19.64 -25.01
C ILE A 342 -9.20 -19.22 -26.38
N VAL A 343 -10.16 -19.98 -26.92
CA VAL A 343 -10.78 -19.61 -28.19
C VAL A 343 -11.36 -18.21 -28.07
N TYR A 344 -12.09 -17.95 -27.00
CA TYR A 344 -12.67 -16.64 -26.77
C TYR A 344 -11.56 -15.58 -26.67
N LEU A 345 -10.46 -15.92 -26.01
CA LEU A 345 -9.33 -15.00 -25.97
C LEU A 345 -8.85 -14.66 -27.37
N VAL A 346 -8.81 -15.66 -28.25
CA VAL A 346 -8.35 -15.42 -29.62
C VAL A 346 -9.37 -14.56 -30.37
N HIS A 347 -10.66 -14.82 -30.17
CA HIS A 347 -11.71 -14.04 -30.81
C HIS A 347 -11.71 -12.60 -30.34
N CYS A 348 -11.11 -12.32 -29.18
CA CYS A 348 -11.00 -10.93 -28.74
C CYS A 348 -9.81 -10.21 -29.36
N GLY A 349 -9.01 -10.87 -30.19
CA GLY A 349 -7.92 -10.19 -30.87
C GLY A 349 -6.64 -10.15 -30.08
N ILE A 350 -6.35 -11.18 -29.30
CA ILE A 350 -5.16 -11.18 -28.48
C ILE A 350 -3.90 -11.23 -29.35
N ILE A 351 -3.93 -11.96 -30.46
CA ILE A 351 -2.67 -12.34 -31.14
C ILE A 351 -1.86 -11.09 -31.50
N GLU A 352 -2.46 -10.17 -32.23
CA GLU A 352 -1.70 -9.04 -32.78
C GLU A 352 -1.03 -8.21 -31.69
N PRO A 353 -1.75 -7.66 -30.72
CA PRO A 353 -1.05 -6.89 -29.65
C PRO A 353 0.00 -7.71 -28.91
N LEU A 354 -0.19 -9.02 -28.84
CA LEU A 354 0.80 -9.90 -28.24
C LEU A 354 2.05 -10.00 -29.11
N MET A 355 1.87 -10.24 -30.42
CA MET A 355 3.02 -10.26 -31.33
C MET A 355 3.75 -8.92 -31.31
N ASN A 356 3.03 -7.82 -31.20
CA ASN A 356 3.68 -6.52 -31.25
C ASN A 356 4.66 -6.31 -30.12
N LEU A 357 4.40 -6.94 -28.96
CA LEU A 357 5.30 -6.81 -27.82
C LEU A 357 6.56 -7.66 -27.94
N LEU A 358 6.63 -8.56 -28.92
CA LEU A 358 7.87 -9.30 -29.16
C LEU A 358 8.99 -8.40 -29.66
N SER A 359 8.67 -7.18 -30.06
CA SER A 359 9.68 -6.19 -30.38
C SER A 359 10.35 -5.63 -29.13
N ALA A 360 9.78 -5.86 -27.95
CA ALA A 360 10.33 -5.27 -26.74
C ALA A 360 11.72 -5.84 -26.46
N LYS A 361 12.64 -4.94 -26.10
CA LYS A 361 13.98 -5.37 -25.73
C LYS A 361 13.95 -6.26 -24.49
N ASP A 362 13.01 -6.01 -23.58
CA ASP A 362 12.94 -6.74 -22.31
C ASP A 362 12.87 -8.24 -22.55
N THR A 363 13.80 -8.98 -21.96
CA THR A 363 13.88 -10.42 -22.18
C THR A 363 12.82 -11.17 -21.39
N LYS A 364 12.49 -10.69 -20.20
CA LYS A 364 11.53 -11.41 -19.37
C LYS A 364 10.16 -11.47 -20.04
N ILE A 365 9.74 -10.36 -20.65
CA ILE A 365 8.42 -10.32 -21.28
C ILE A 365 8.39 -11.18 -22.55
N ILE A 366 9.51 -11.28 -23.27
CA ILE A 366 9.52 -12.12 -24.45
C ILE A 366 9.25 -13.56 -24.07
N GLN A 367 9.86 -14.02 -22.96
CA GLN A 367 9.61 -15.37 -22.49
C GLN A 367 8.15 -15.55 -22.09
N VAL A 368 7.57 -14.55 -21.43
CA VAL A 368 6.16 -14.62 -21.06
C VAL A 368 5.29 -14.79 -22.31
N ILE A 369 5.55 -13.96 -23.33
CA ILE A 369 4.74 -13.98 -24.55
C ILE A 369 4.86 -15.33 -25.26
N LEU A 370 6.08 -15.80 -25.46
CA LEU A 370 6.27 -17.10 -26.10
C LEU A 370 5.53 -18.21 -25.35
N ASP A 371 5.52 -18.12 -24.02
CA ASP A 371 4.78 -19.11 -23.22
C ASP A 371 3.30 -19.07 -23.57
N ALA A 372 2.72 -17.87 -23.62
CA ALA A 372 1.32 -17.74 -23.97
C ALA A 372 1.05 -18.30 -25.37
N ILE A 373 1.93 -18.02 -26.34
CA ILE A 373 1.73 -18.53 -27.69
C ILE A 373 1.69 -20.05 -27.68
N SER A 374 2.63 -20.66 -26.95
CA SER A 374 2.67 -22.12 -26.90
C SER A 374 1.40 -22.69 -26.27
N ASN A 375 0.92 -22.05 -25.20
CA ASN A 375 -0.29 -22.54 -24.56
C ASN A 375 -1.48 -22.48 -25.52
N ILE A 376 -1.59 -21.39 -26.29
CA ILE A 376 -2.69 -21.28 -27.24
C ILE A 376 -2.56 -22.34 -28.32
N PHE A 377 -1.34 -22.60 -28.78
CA PHE A 377 -1.12 -23.66 -29.76
C PHE A 377 -1.51 -25.02 -29.20
N GLN A 378 -1.27 -25.25 -27.91
CA GLN A 378 -1.67 -26.50 -27.31
C GLN A 378 -3.18 -26.66 -27.31
N ALA A 379 -3.91 -25.58 -27.01
CA ALA A 379 -5.37 -25.62 -27.13
C ALA A 379 -5.79 -25.84 -28.57
N ALA A 380 -5.07 -25.23 -29.52
CA ALA A 380 -5.42 -25.40 -30.92
C ALA A 380 -5.22 -26.85 -31.36
N GLU A 381 -4.23 -27.55 -30.80
CA GLU A 381 -4.02 -28.95 -31.13
C GLU A 381 -5.22 -29.80 -30.70
N LYS A 382 -5.79 -29.50 -29.53
CA LYS A 382 -6.97 -30.24 -29.08
C LYS A 382 -8.09 -30.16 -30.10
N LEU A 383 -8.24 -28.99 -30.75
CA LEU A 383 -9.30 -28.76 -31.73
C LEU A 383 -8.90 -29.15 -33.16
N GLY A 384 -7.65 -29.54 -33.38
CA GLY A 384 -7.16 -29.78 -34.73
C GLY A 384 -7.17 -28.55 -35.61
N GLU A 385 -6.84 -27.39 -35.04
CA GLU A 385 -6.88 -26.11 -35.75
C GLU A 385 -5.55 -25.36 -35.66
N THR A 386 -4.43 -26.07 -35.54
CA THR A 386 -3.13 -25.42 -35.46
C THR A 386 -2.77 -24.69 -36.75
N GLU A 387 -3.29 -25.17 -37.88
CA GLU A 387 -3.09 -24.47 -39.14
C GLU A 387 -3.80 -23.13 -39.14
N LYS A 388 -5.06 -23.09 -38.70
CA LYS A 388 -5.79 -21.84 -38.65
C LYS A 388 -5.08 -20.85 -37.75
N LEU A 389 -4.59 -21.31 -36.60
CA LEU A 389 -3.89 -20.40 -35.70
C LEU A 389 -2.58 -19.93 -36.30
N SER A 390 -1.93 -20.79 -37.08
CA SER A 390 -0.64 -20.46 -37.67
C SER A 390 -0.77 -19.40 -38.76
N ILE A 391 -1.80 -19.49 -39.59
CA ILE A 391 -2.01 -18.45 -40.59
C ILE A 391 -2.39 -17.14 -39.90
N MET A 392 -3.13 -17.21 -38.80
CA MET A 392 -3.46 -15.99 -38.05
C MET A 392 -2.19 -15.31 -37.55
N ILE A 393 -1.22 -16.08 -37.07
CA ILE A 393 0.00 -15.46 -36.56
C ILE A 393 0.81 -14.85 -37.70
N GLU A 394 0.79 -15.47 -38.88
CA GLU A 394 1.44 -14.87 -40.05
C GLU A 394 0.75 -13.57 -40.45
N GLU A 395 -0.58 -13.54 -40.46
CA GLU A 395 -1.32 -12.35 -40.90
C GLU A 395 -1.19 -11.16 -39.95
N CYS A 396 -0.67 -11.34 -38.74
CA CYS A 396 -0.49 -10.23 -37.80
C CYS A 396 0.93 -9.72 -37.78
N GLY A 397 1.77 -10.18 -38.71
CA GLY A 397 3.19 -9.88 -38.67
C GLY A 397 3.98 -10.67 -37.66
N GLY A 398 3.38 -11.70 -37.06
CA GLY A 398 3.99 -12.41 -35.96
C GLY A 398 5.09 -13.36 -36.36
N LEU A 399 4.95 -14.03 -37.50
CA LEU A 399 5.91 -15.07 -37.86
C LEU A 399 7.32 -14.52 -38.02
N ASP A 400 7.46 -13.33 -38.61
CA ASP A 400 8.79 -12.76 -38.79
C ASP A 400 9.45 -12.49 -37.44
N LYS A 401 8.67 -12.04 -36.45
CA LYS A 401 9.24 -11.75 -35.13
C LYS A 401 9.68 -13.03 -34.43
N ILE A 402 8.93 -14.12 -34.59
CA ILE A 402 9.33 -15.38 -33.97
C ILE A 402 10.62 -15.90 -34.60
N GLU A 403 10.75 -15.78 -35.91
CA GLU A 403 11.97 -16.19 -36.57
C GLU A 403 13.15 -15.36 -36.08
N ALA A 404 12.96 -14.04 -35.99
CA ALA A 404 14.01 -13.15 -35.50
C ALA A 404 14.49 -13.53 -34.10
N LEU A 405 13.66 -14.21 -33.31
CA LEU A 405 14.05 -14.49 -31.94
C LEU A 405 15.22 -15.45 -31.86
N GLN A 406 15.41 -16.29 -32.87
CA GLN A 406 16.51 -17.25 -32.83
C GLN A 406 17.83 -16.54 -32.52
N ARG A 407 18.08 -15.40 -33.16
CA ARG A 407 19.30 -14.64 -32.93
C ARG A 407 19.42 -14.14 -31.50
N HIS A 408 18.36 -14.24 -30.70
CA HIS A 408 18.37 -13.63 -29.38
C HIS A 408 19.48 -14.22 -28.52
N GLU A 409 20.02 -13.38 -27.63
CA GLU A 409 21.09 -13.81 -26.75
C GLU A 409 20.61 -14.85 -25.75
N ASN A 410 19.48 -14.58 -25.09
CA ASN A 410 18.98 -15.49 -24.07
C ASN A 410 18.77 -16.89 -24.62
N GLU A 411 18.89 -17.88 -23.75
CA GLU A 411 18.83 -19.28 -24.16
C GLU A 411 17.39 -19.79 -24.22
N SER A 412 16.62 -19.58 -23.14
CA SER A 412 15.24 -20.08 -23.11
C SER A 412 14.42 -19.48 -24.25
N VAL A 413 14.65 -18.20 -24.57
CA VAL A 413 14.02 -17.60 -25.73
C VAL A 413 14.41 -18.34 -27.01
N TYR A 414 15.71 -18.61 -27.17
CA TYR A 414 16.20 -19.28 -28.36
C TYR A 414 15.50 -20.62 -28.56
N LYS A 415 15.52 -21.48 -27.55
CA LYS A 415 14.94 -22.81 -27.68
C LYS A 415 13.42 -22.75 -27.84
N ALA A 416 12.77 -21.79 -27.19
CA ALA A 416 11.32 -21.70 -27.25
C ALA A 416 10.84 -21.33 -28.65
N SER A 417 11.42 -20.30 -29.24
CA SER A 417 10.97 -19.88 -30.57
C SER A 417 11.27 -20.94 -31.63
N LEU A 418 12.37 -21.68 -31.46
CA LEU A 418 12.71 -22.71 -32.42
C LEU A 418 11.74 -23.87 -32.33
N ASN A 419 11.28 -24.19 -31.11
CA ASN A 419 10.24 -25.20 -30.96
C ASN A 419 8.96 -24.81 -31.71
N LEU A 420 8.55 -23.55 -31.59
CA LEU A 420 7.31 -23.11 -32.25
C LEU A 420 7.46 -23.16 -33.77
N ILE A 421 8.59 -22.71 -34.28
CA ILE A 421 8.80 -22.67 -35.72
C ILE A 421 8.85 -24.08 -36.29
N GLU A 422 9.60 -24.98 -35.65
CA GLU A 422 9.68 -26.32 -36.17
C GLU A 422 8.35 -27.05 -36.03
N LYS A 423 7.59 -26.74 -34.98
CA LYS A 423 6.40 -27.52 -34.67
C LYS A 423 5.18 -27.06 -35.48
N TYR A 424 5.06 -25.76 -35.75
CA TYR A 424 3.85 -25.23 -36.39
C TYR A 424 4.08 -24.44 -37.67
N PHE A 425 5.32 -24.19 -38.07
CA PHE A 425 5.62 -23.37 -39.23
C PHE A 425 6.59 -24.08 -40.17
N SER A 426 6.30 -25.34 -40.48
CA SER A 426 7.18 -26.17 -41.29
C SER A 426 6.45 -26.69 -42.53
N VAL A 427 7.23 -27.27 -43.43
CA VAL A 427 6.73 -27.80 -44.70
C VAL A 427 6.25 -26.63 -45.56
N THR B 1 -0.71 8.34 4.18
CA THR B 1 0.29 7.35 3.84
C THR B 1 1.70 7.86 4.12
N ASN B 2 1.82 9.13 4.52
CA ASN B 2 3.13 9.67 4.85
C ASN B 2 3.60 9.08 6.17
N LYS B 3 4.90 8.75 6.24
CA LYS B 3 5.42 8.16 7.46
C LYS B 3 5.34 9.15 8.61
N LYS B 4 5.71 10.41 8.37
CA LYS B 4 5.82 11.42 9.41
C LYS B 4 5.16 12.73 8.99
N MET B 5 4.77 13.51 10.01
CA MET B 5 3.97 14.72 9.86
C MET B 5 4.44 15.75 10.88
N ARG B 6 4.96 16.87 10.41
CA ARG B 6 5.22 18.00 11.29
C ARG B 6 3.92 18.76 11.56
N ARG B 7 3.84 19.43 12.71
CA ARG B 7 2.71 20.33 12.98
C ARG B 7 3.12 21.79 12.79
N ASN B 8 2.45 22.47 11.87
CA ASN B 8 2.81 23.83 11.48
C ASN B 8 2.01 24.86 12.26
N ARG B 9 2.52 26.09 12.28
CA ARG B 9 1.80 27.17 12.92
C ARG B 9 0.46 27.42 12.23
N PHE B 10 -0.51 27.88 13.02
CA PHE B 10 -1.78 28.32 12.47
C PHE B 10 -1.55 29.51 11.56
N LYS B 11 -1.94 29.36 10.29
CA LYS B 11 -1.77 30.42 9.31
C LYS B 11 -3.08 31.19 9.14
N THR C 1 3.72 -22.24 -7.13
CA THR C 1 2.41 -21.64 -7.33
C THR C 1 2.38 -20.84 -8.64
N ASN C 2 1.21 -20.29 -8.96
CA ASN C 2 1.04 -19.45 -10.14
C ASN C 2 0.94 -17.97 -9.80
N LYS C 3 0.55 -17.65 -8.56
CA LYS C 3 0.40 -16.26 -8.14
C LYS C 3 1.73 -15.68 -7.69
N LYS C 4 1.91 -14.41 -7.98
CA LYS C 4 3.12 -13.67 -7.61
C LYS C 4 2.75 -12.62 -6.59
N MET C 5 3.35 -12.72 -5.40
CA MET C 5 3.19 -11.72 -4.37
C MET C 5 4.18 -10.58 -4.53
N ARG C 6 5.35 -10.85 -5.11
CA ARG C 6 6.49 -9.92 -5.10
C ARG C 6 6.56 -9.15 -6.42
N ARG C 7 5.55 -8.32 -6.63
CA ARG C 7 5.63 -7.33 -7.71
C ARG C 7 6.74 -6.32 -7.45
N ASN C 8 6.96 -5.97 -6.17
CA ASN C 8 7.97 -4.97 -5.84
C ASN C 8 9.37 -5.46 -6.17
N ARG C 9 9.71 -6.68 -5.73
CA ARG C 9 11.01 -7.24 -6.10
C ARG C 9 11.11 -7.40 -7.62
N PHE C 10 10.02 -7.82 -8.26
CA PHE C 10 10.03 -7.93 -9.72
C PHE C 10 10.42 -6.60 -10.37
N LYS C 11 9.87 -5.50 -9.87
CA LYS C 11 10.30 -4.14 -10.27
C LYS C 11 10.14 -3.91 -11.78
#